data_9LDD
#
_entry.id   9LDD
#
_cell.length_a   84.272
_cell.length_b   84.272
_cell.length_c   66.587
_cell.angle_alpha   90.00
_cell.angle_beta   90.00
_cell.angle_gamma   90.00
#
_symmetry.space_group_name_H-M   'P 41 21 2'
#
loop_
_entity.id
_entity.type
_entity.pdbx_description
1 polymer "Probable RNA 2'-phosphotransferase"
2 polymer "DNA (5'-D(P*AP*AP*AP*AP*AP*AP*AP*AP*AP*A)-3')"
3 non-polymer GLYCEROL
4 water water
#
loop_
_entity_poly.entity_id
_entity_poly.type
_entity_poly.pdbx_seq_one_letter_code
_entity_poly.pdbx_strand_id
1 'polypeptide(L)'
;MKPERKRVSKLMAYILRHSPEEFGLRPDVEGFVSLNELVNALKTVYPEVTEEFVREIVENDP(A1EJT)GRYEIRGDRIR
ARYGHSFPVSLDHEEDTESRFLYHGTPRRNLPSILKEGLKPMKRQYVHVSTDKIEALETGRRHGREVVLLVIDAECLRKR
GFKIYKAGKNVRIVERVPPDCITLAV
;
A
2 'polydeoxyribonucleotide' (DA)(DA)(DA)(DA)(DA)(DA)(DA)(DA)(DA)(DA) B
#
# COMPACT_ATOMS: atom_id res chain seq x y z
C PRO A 3 17.47 -9.67 -7.68
N GLU A 4 17.38 -10.89 -7.16
CA GLU A 4 16.32 -11.81 -7.58
C GLU A 4 15.06 -11.65 -6.75
N ARG A 5 15.19 -11.53 -5.42
CA ARG A 5 14.01 -11.29 -4.59
C ARG A 5 13.28 -10.03 -5.00
N LYS A 6 14.03 -8.94 -5.20
CA LYS A 6 13.41 -7.65 -5.48
C LYS A 6 12.69 -7.65 -6.84
N ARG A 7 13.31 -8.26 -7.86
CA ARG A 7 12.69 -8.28 -9.18
C ARG A 7 11.41 -9.10 -9.16
N VAL A 8 11.43 -10.23 -8.45
CA VAL A 8 10.24 -11.07 -8.40
C VAL A 8 9.16 -10.39 -7.55
N SER A 9 9.58 -9.75 -6.45
CA SER A 9 8.62 -9.02 -5.61
C SER A 9 7.95 -7.89 -6.37
N LYS A 10 8.70 -7.22 -7.26
CA LYS A 10 8.09 -6.11 -7.99
C LYS A 10 7.01 -6.64 -8.93
N LEU A 11 7.27 -7.78 -9.55
CA LEU A 11 6.28 -8.39 -10.41
C LEU A 11 5.07 -8.88 -9.62
N MET A 12 5.30 -9.52 -8.46
CA MET A 12 4.16 -9.81 -7.57
C MET A 12 3.33 -8.59 -7.25
N ALA A 13 3.96 -7.46 -6.93
CA ALA A 13 3.15 -6.29 -6.59
C ALA A 13 2.35 -5.84 -7.80
N TYR A 14 2.94 -5.91 -9.01
CA TYR A 14 2.22 -5.55 -10.22
C TYR A 14 0.98 -6.42 -10.40
N ILE A 15 1.16 -7.74 -10.24
CA ILE A 15 0.08 -8.67 -10.47
C ILE A 15 -1.01 -8.55 -9.40
N LEU A 16 -0.59 -8.44 -8.13
CA LEU A 16 -1.52 -8.48 -7.01
C LEU A 16 -2.22 -7.14 -6.77
N ARG A 17 -1.64 -6.03 -7.22
CA ARG A 17 -2.23 -4.71 -6.98
C ARG A 17 -2.89 -4.09 -8.19
N HIS A 18 -2.42 -4.40 -9.41
CA HIS A 18 -2.77 -3.55 -10.54
C HIS A 18 -3.32 -4.33 -11.73
N SER A 19 -2.62 -5.37 -12.18
CA SER A 19 -2.94 -5.97 -13.48
C SER A 19 -2.99 -7.51 -13.46
N PRO A 20 -3.74 -8.10 -12.52
CA PRO A 20 -3.86 -9.56 -12.51
C PRO A 20 -4.44 -10.10 -13.79
N GLU A 21 -5.32 -9.33 -14.43
CA GLU A 21 -6.01 -9.86 -15.59
C GLU A 21 -5.05 -10.05 -16.77
N GLU A 22 -3.94 -9.31 -16.79
CA GLU A 22 -2.92 -9.46 -17.83
C GLU A 22 -2.26 -10.83 -17.79
N PHE A 23 -2.33 -11.51 -16.64
CA PHE A 23 -1.81 -12.86 -16.47
C PHE A 23 -2.94 -13.88 -16.37
N GLY A 24 -4.16 -13.47 -16.67
CA GLY A 24 -5.27 -14.40 -16.65
C GLY A 24 -5.82 -14.67 -15.27
N LEU A 25 -5.49 -13.85 -14.29
CA LEU A 25 -5.89 -14.07 -12.90
C LEU A 25 -7.02 -13.11 -12.55
N ARG A 26 -7.92 -13.55 -11.67
CA ARG A 26 -9.05 -12.72 -11.25
C ARG A 26 -9.14 -12.83 -9.74
N PRO A 27 -8.63 -11.86 -9.00
CA PRO A 27 -8.69 -11.97 -7.53
C PRO A 27 -10.13 -12.03 -7.05
N ASP A 28 -10.31 -12.64 -5.88
CA ASP A 28 -11.62 -12.62 -5.25
C ASP A 28 -11.87 -11.24 -4.63
N VAL A 29 -13.02 -11.08 -3.97
CA VAL A 29 -13.41 -9.75 -3.49
C VAL A 29 -12.46 -9.23 -2.42
N GLU A 30 -11.74 -10.12 -1.74
CA GLU A 30 -10.77 -9.74 -0.72
C GLU A 30 -9.38 -9.48 -1.31
N GLY A 31 -9.22 -9.61 -2.62
CA GLY A 31 -7.93 -9.37 -3.27
C GLY A 31 -7.02 -10.57 -3.38
N PHE A 32 -7.48 -11.75 -2.97
CA PHE A 32 -6.66 -12.96 -2.96
C PHE A 32 -6.71 -13.66 -4.33
N VAL A 33 -5.57 -14.20 -4.73
CA VAL A 33 -5.53 -15.20 -5.80
C VAL A 33 -4.94 -16.46 -5.19
N SER A 34 -5.10 -17.59 -5.88
CA SER A 34 -4.48 -18.78 -5.31
C SER A 34 -2.96 -18.67 -5.45
N LEU A 35 -2.24 -19.27 -4.48
CA LEU A 35 -0.78 -19.23 -4.54
C LEU A 35 -0.28 -19.94 -5.77
N ASN A 36 -0.91 -21.07 -6.12
CA ASN A 36 -0.56 -21.80 -7.34
C ASN A 36 -0.66 -20.89 -8.55
N GLU A 37 -1.75 -20.12 -8.63
CA GLU A 37 -1.97 -19.24 -9.79
C GLU A 37 -0.85 -18.23 -9.87
N LEU A 38 -0.50 -17.63 -8.73
CA LEU A 38 0.51 -16.57 -8.74
C LEU A 38 1.85 -17.13 -9.18
N VAL A 39 2.25 -18.27 -8.60
CA VAL A 39 3.52 -18.91 -8.94
C VAL A 39 3.58 -19.19 -10.44
N ASN A 40 2.49 -19.74 -10.99
CA ASN A 40 2.47 -20.02 -12.41
C ASN A 40 2.58 -18.76 -13.25
N ALA A 41 1.96 -17.66 -12.81
CA ALA A 41 2.11 -16.40 -13.52
C ALA A 41 3.54 -15.89 -13.46
N LEU A 42 4.15 -15.92 -12.28
CA LEU A 42 5.53 -15.45 -12.15
C LEU A 42 6.47 -16.27 -13.03
N LYS A 43 6.24 -17.57 -13.12
CA LYS A 43 7.14 -18.43 -13.90
C LYS A 43 7.13 -18.10 -15.40
N THR A 44 6.07 -17.50 -15.93
CA THR A 44 6.13 -17.10 -17.34
C THR A 44 7.16 -16.01 -17.57
N VAL A 45 7.43 -15.19 -16.57
CA VAL A 45 8.51 -14.22 -16.68
C VAL A 45 9.82 -14.76 -16.10
N TYR A 46 9.74 -15.41 -14.92
CA TYR A 46 10.92 -15.86 -14.20
C TYR A 46 10.77 -17.35 -13.93
N PRO A 47 11.21 -18.20 -14.86
CA PRO A 47 10.91 -19.64 -14.78
C PRO A 47 11.49 -20.35 -13.56
N GLU A 48 12.59 -19.84 -12.99
CA GLU A 48 13.18 -20.48 -11.83
C GLU A 48 12.39 -20.23 -10.55
N VAL A 49 11.33 -19.42 -10.62
CA VAL A 49 10.56 -19.08 -9.42
C VAL A 49 9.77 -20.29 -8.96
N THR A 50 9.71 -20.47 -7.65
CA THR A 50 9.00 -21.57 -7.02
C THR A 50 8.11 -21.05 -5.92
N GLU A 51 7.18 -21.90 -5.48
CA GLU A 51 6.29 -21.49 -4.40
C GLU A 51 7.07 -21.18 -3.12
N GLU A 52 8.17 -21.89 -2.89
CA GLU A 52 8.92 -21.64 -1.66
C GLU A 52 9.67 -20.31 -1.73
N PHE A 53 10.16 -19.93 -2.92
CA PHE A 53 10.79 -18.62 -3.06
C PHE A 53 9.78 -17.50 -2.84
N VAL A 54 8.56 -17.66 -3.34
CA VAL A 54 7.52 -16.66 -3.06
C VAL A 54 7.21 -16.61 -1.57
N ARG A 55 7.06 -17.79 -0.95
CA ARG A 55 6.80 -17.84 0.48
C ARG A 55 7.92 -17.11 1.24
N GLU A 56 9.15 -17.25 0.77
CA GLU A 56 10.27 -16.55 1.40
C GLU A 56 10.12 -15.04 1.24
N ILE A 57 9.77 -14.59 0.03
CA ILE A 57 9.56 -13.16 -0.19
C ILE A 57 8.55 -12.62 0.80
N VAL A 58 7.44 -13.34 0.98
CA VAL A 58 6.35 -12.86 1.82
C VAL A 58 6.79 -12.78 3.29
N GLU A 59 7.49 -13.83 3.75
CA GLU A 59 7.93 -13.91 5.15
C GLU A 59 8.93 -12.79 5.49
N ASN A 60 9.85 -12.50 4.57
CA ASN A 60 10.94 -11.57 4.77
C ASN A 60 10.65 -10.14 4.29
N ASP A 61 9.47 -9.87 3.75
CA ASP A 61 9.22 -8.52 3.25
C ASP A 61 9.28 -7.51 4.39
N PRO A 62 10.10 -6.45 4.29
CA PRO A 62 10.22 -5.51 5.42
C PRO A 62 9.03 -4.59 5.61
N GLY A 64 5.66 -5.50 5.07
CA GLY A 64 4.41 -6.22 5.21
C GLY A 64 3.58 -6.25 3.94
N ARG A 65 4.24 -6.27 2.78
CA ARG A 65 3.55 -6.08 1.50
C ARG A 65 2.49 -7.15 1.27
N TYR A 66 2.78 -8.38 1.65
CA TYR A 66 1.99 -9.52 1.20
C TYR A 66 1.46 -10.30 2.39
N GLU A 67 0.36 -11.01 2.15
CA GLU A 67 -0.30 -11.84 3.13
C GLU A 67 -0.70 -13.15 2.47
N ILE A 68 -0.34 -14.27 3.09
CA ILE A 68 -0.82 -15.59 2.67
C ILE A 68 -1.81 -16.10 3.71
N ARG A 69 -2.99 -16.53 3.25
CA ARG A 69 -3.96 -17.24 4.10
C ARG A 69 -4.13 -18.62 3.50
N GLY A 70 -3.48 -19.62 4.09
CA GLY A 70 -3.53 -20.96 3.55
C GLY A 70 -2.87 -21.08 2.19
N ASP A 71 -3.68 -21.36 1.17
CA ASP A 71 -3.18 -21.51 -0.19
C ASP A 71 -3.48 -20.29 -1.06
N ARG A 72 -3.78 -19.14 -0.44
CA ARG A 72 -4.13 -17.93 -1.17
C ARG A 72 -3.24 -16.78 -0.70
N ILE A 73 -3.01 -15.81 -1.58
CA ILE A 73 -2.05 -14.75 -1.34
C ILE A 73 -2.64 -13.44 -1.87
N ARG A 74 -2.35 -12.32 -1.18
CA ARG A 74 -2.75 -11.04 -1.71
C ARG A 74 -1.69 -10.01 -1.34
N ALA A 75 -1.79 -8.87 -2.00
CA ALA A 75 -1.14 -7.69 -1.46
C ALA A 75 -2.04 -7.07 -0.40
N ARG A 76 -1.42 -6.58 0.69
N ARG A 76 -1.43 -6.59 0.69
CA ARG A 76 -2.19 -5.99 1.78
CA ARG A 76 -2.18 -5.98 1.79
C ARG A 76 -2.65 -4.56 1.50
C ARG A 76 -2.68 -4.57 1.47
N TYR A 77 -2.05 -3.87 0.53
CA TYR A 77 -2.40 -2.49 0.24
C TYR A 77 -1.91 -2.17 -1.17
N GLY A 78 -2.15 -0.93 -1.59
CA GLY A 78 -1.62 -0.46 -2.85
C GLY A 78 -2.47 -0.76 -4.07
N HIS A 79 -3.60 -1.46 -3.93
CA HIS A 79 -4.39 -1.87 -5.09
C HIS A 79 -4.94 -0.68 -5.84
N SER A 80 -5.07 -0.85 -7.16
CA SER A 80 -5.74 0.11 -8.02
C SER A 80 -7.04 -0.46 -8.57
N PHE A 81 -7.51 -1.56 -8.02
CA PHE A 81 -8.83 -2.10 -8.29
C PHE A 81 -9.53 -2.36 -6.97
N PRO A 82 -10.87 -2.39 -6.96
CA PRO A 82 -11.61 -2.48 -5.69
C PRO A 82 -11.32 -3.78 -4.96
N VAL A 83 -11.10 -3.66 -3.66
CA VAL A 83 -10.83 -4.80 -2.79
C VAL A 83 -11.57 -4.58 -1.47
N SER A 84 -12.07 -5.67 -0.89
CA SER A 84 -12.69 -5.62 0.43
C SER A 84 -11.65 -6.14 1.42
N LEU A 85 -10.92 -5.22 2.05
CA LEU A 85 -9.87 -5.59 2.97
C LEU A 85 -10.48 -5.68 4.37
N ASP A 86 -10.01 -6.63 5.15
CA ASP A 86 -10.53 -6.82 6.51
C ASP A 86 -9.50 -6.41 7.56
N HIS A 87 -8.72 -5.37 7.28
CA HIS A 87 -7.67 -4.96 8.20
C HIS A 87 -8.27 -4.38 9.48
N GLU A 88 -7.53 -4.50 10.58
CA GLU A 88 -7.96 -3.88 11.84
C GLU A 88 -7.80 -2.36 11.78
N GLU A 89 -8.65 -1.67 12.54
CA GLU A 89 -8.60 -0.22 12.55
C GLU A 89 -7.43 0.21 13.43
N ASP A 90 -6.73 1.25 13.01
CA ASP A 90 -5.75 1.92 13.86
C ASP A 90 -6.48 2.97 14.69
N THR A 91 -6.68 2.66 15.96
CA THR A 91 -7.28 3.59 16.89
C THR A 91 -6.26 4.31 17.76
N GLU A 92 -5.01 3.85 17.79
CA GLU A 92 -4.08 4.38 18.78
C GLU A 92 -3.21 5.51 18.25
N SER A 93 -2.92 5.56 16.94
CA SER A 93 -1.96 6.53 16.43
C SER A 93 -2.53 7.94 16.58
N ARG A 94 -1.72 8.84 17.13
CA ARG A 94 -2.11 10.23 17.23
C ARG A 94 -1.74 10.99 15.98
N PHE A 95 -0.51 10.79 15.50
CA PHE A 95 -0.06 11.40 14.25
C PHE A 95 0.31 10.34 13.24
N LEU A 96 0.07 10.65 11.97
CA LEU A 96 0.43 9.80 10.86
C LEU A 96 1.22 10.69 9.90
N TYR A 97 1.90 10.05 8.95
CA TYR A 97 2.88 10.77 8.16
C TYR A 97 2.75 10.38 6.70
N HIS A 98 3.03 11.34 5.83
CA HIS A 98 2.98 11.09 4.39
C HIS A 98 4.03 11.95 3.73
N GLY A 99 5.00 11.30 3.06
CA GLY A 99 6.02 12.03 2.34
C GLY A 99 5.63 12.16 0.87
N THR A 100 5.91 13.34 0.30
CA THR A 100 5.56 13.56 -1.09
C THR A 100 6.47 14.63 -1.66
N PRO A 101 6.82 14.56 -2.95
CA PRO A 101 7.58 15.65 -3.58
C PRO A 101 6.90 16.99 -3.34
N ARG A 102 7.73 18.00 -3.08
CA ARG A 102 7.22 19.35 -2.83
C ARG A 102 6.34 19.83 -3.98
N ARG A 103 6.59 19.35 -5.20
CA ARG A 103 5.81 19.82 -6.34
C ARG A 103 4.32 19.52 -6.17
N ASN A 104 3.98 18.53 -5.35
CA ASN A 104 2.60 18.15 -5.11
C ASN A 104 1.94 19.00 -4.03
N LEU A 105 2.72 19.77 -3.28
CA LEU A 105 2.16 20.43 -2.10
C LEU A 105 1.06 21.43 -2.45
N PRO A 106 1.19 22.30 -3.46
CA PRO A 106 0.08 23.24 -3.71
C PRO A 106 -1.26 22.57 -3.92
N SER A 107 -1.31 21.46 -4.65
CA SER A 107 -2.55 20.74 -4.90
C SER A 107 -3.07 20.11 -3.61
N ILE A 108 -2.17 19.53 -2.82
CA ILE A 108 -2.56 18.87 -1.58
C ILE A 108 -3.14 19.87 -0.58
N LEU A 109 -2.57 21.08 -0.50
CA LEU A 109 -3.11 22.07 0.44
C LEU A 109 -4.53 22.49 0.08
N LYS A 110 -4.90 22.39 -1.18
CA LYS A 110 -6.24 22.71 -1.63
C LYS A 110 -7.18 21.52 -1.50
N GLU A 111 -6.71 20.35 -1.90
CA GLU A 111 -7.54 19.18 -2.11
C GLU A 111 -7.43 18.15 -1.01
N GLY A 112 -6.37 18.21 -0.21
CA GLY A 112 -6.02 17.13 0.69
C GLY A 112 -5.32 16.02 -0.07
N LEU A 113 -4.96 14.95 0.64
CA LEU A 113 -4.44 13.77 -0.05
C LEU A 113 -5.60 13.03 -0.68
N LYS A 114 -5.43 12.65 -1.92
CA LYS A 114 -6.43 11.88 -2.65
C LYS A 114 -5.82 10.52 -2.98
N PRO A 115 -6.63 9.46 -3.11
CA PRO A 115 -6.06 8.16 -3.48
C PRO A 115 -5.41 8.10 -4.87
N MET A 116 -5.74 9.00 -5.79
CA MET A 116 -5.06 9.13 -7.07
C MET A 116 -5.35 7.85 -7.86
N LYS A 117 -4.34 7.09 -8.26
CA LYS A 117 -4.62 5.88 -9.04
C LYS A 117 -4.99 4.69 -8.19
N ARG A 118 -4.84 4.78 -6.86
CA ARG A 118 -5.10 3.65 -6.00
C ARG A 118 -6.49 3.76 -5.39
N GLN A 119 -6.91 2.70 -4.71
CA GLN A 119 -8.21 2.74 -4.05
C GLN A 119 -8.18 3.65 -2.81
N TYR A 120 -7.06 3.66 -2.08
CA TYR A 120 -6.97 4.34 -0.78
C TYR A 120 -5.79 5.30 -0.76
N VAL A 121 -5.90 6.34 0.08
CA VAL A 121 -4.71 7.10 0.44
C VAL A 121 -3.84 6.26 1.37
N HIS A 122 -2.53 6.25 1.14
CA HIS A 122 -1.59 5.54 1.99
C HIS A 122 -0.78 6.52 2.83
N VAL A 123 -0.68 6.24 4.13
CA VAL A 123 0.16 7.02 5.05
C VAL A 123 0.98 6.05 5.88
N SER A 124 1.75 6.56 6.83
CA SER A 124 2.61 5.70 7.62
C SER A 124 2.63 6.15 9.07
N THR A 125 2.86 5.19 9.97
CA THR A 125 3.12 5.55 11.36
C THR A 125 4.54 6.04 11.55
N ASP A 126 5.38 5.86 10.53
CA ASP A 126 6.82 6.02 10.69
C ASP A 126 7.30 7.16 9.80
N LYS A 127 8.03 8.11 10.39
CA LYS A 127 8.48 9.27 9.62
C LYS A 127 9.46 8.87 8.53
N ILE A 128 10.42 8.00 8.82
CA ILE A 128 11.41 7.60 7.82
C ILE A 128 10.73 6.90 6.63
N GLU A 129 9.86 5.93 6.92
CA GLU A 129 9.17 5.25 5.82
C GLU A 129 8.37 6.23 4.99
N ALA A 130 7.68 7.16 5.64
CA ALA A 130 6.92 8.16 4.88
C ALA A 130 7.83 8.93 3.93
N LEU A 131 8.99 9.35 4.42
CA LEU A 131 9.91 10.11 3.57
C LEU A 131 10.49 9.24 2.45
N GLU A 132 10.85 7.99 2.78
CA GLU A 132 11.36 7.09 1.75
C GLU A 132 10.32 6.87 0.65
N THR A 133 9.05 6.82 1.02
CA THR A 133 7.99 6.68 0.02
C THR A 133 7.94 7.90 -0.88
N GLY A 134 7.95 9.09 -0.28
CA GLY A 134 7.96 10.30 -1.09
C GLY A 134 9.15 10.37 -2.03
N ARG A 135 10.32 9.91 -1.58
CA ARG A 135 11.53 10.02 -2.37
C ARG A 135 11.49 9.10 -3.59
N ARG A 136 10.69 8.05 -3.55
CA ARG A 136 10.47 7.25 -4.75
C ARG A 136 9.94 8.10 -5.90
N HIS A 137 9.16 9.15 -5.61
CA HIS A 137 8.50 9.95 -6.63
C HIS A 137 9.31 11.17 -7.08
N GLY A 138 10.27 11.63 -6.30
CA GLY A 138 10.96 12.86 -6.67
C GLY A 138 11.91 13.27 -5.58
N ARG A 139 12.59 14.42 -5.80
CA ARG A 139 13.78 14.78 -5.04
C ARG A 139 13.53 15.65 -3.81
N GLU A 140 12.61 16.61 -3.85
CA GLU A 140 12.44 17.58 -2.75
C GLU A 140 11.25 17.19 -1.88
N VAL A 141 11.43 16.11 -1.15
CA VAL A 141 10.31 15.49 -0.45
C VAL A 141 9.97 16.32 0.78
N VAL A 142 8.66 16.54 0.98
CA VAL A 142 8.14 17.13 2.20
C VAL A 142 7.49 16.05 3.05
N LEU A 143 7.65 16.19 4.35
CA LEU A 143 7.01 15.30 5.31
C LEU A 143 5.71 15.95 5.77
N LEU A 144 4.57 15.32 5.44
CA LEU A 144 3.27 15.79 5.92
C LEU A 144 2.95 15.12 7.25
N VAL A 145 2.56 15.92 8.24
CA VAL A 145 2.09 15.43 9.53
C VAL A 145 0.58 15.53 9.53
N ILE A 146 -0.07 14.43 9.87
CA ILE A 146 -1.52 14.29 9.76
C ILE A 146 -2.09 13.99 11.13
N ASP A 147 -3.12 14.75 11.52
CA ASP A 147 -3.80 14.56 12.79
C ASP A 147 -4.79 13.43 12.59
N ALA A 148 -4.50 12.28 13.20
CA ALA A 148 -5.32 11.09 12.98
C ALA A 148 -6.71 11.26 13.59
N GLU A 149 -6.79 11.89 14.76
CA GLU A 149 -8.10 12.11 15.36
C GLU A 149 -8.96 13.04 14.51
N CYS A 150 -8.34 14.03 13.84
CA CYS A 150 -9.07 14.83 12.85
C CYS A 150 -9.71 13.94 11.78
N LEU A 151 -9.00 12.92 11.33
CA LEU A 151 -9.57 12.02 10.32
C LEU A 151 -10.73 11.22 10.88
N ARG A 152 -10.53 10.63 12.06
CA ARG A 152 -11.56 9.79 12.67
C ARG A 152 -12.83 10.59 12.94
N LYS A 153 -12.68 11.82 13.44
CA LYS A 153 -13.83 12.68 13.71
C LYS A 153 -14.69 12.87 12.47
N ARG A 154 -14.05 12.94 11.29
CA ARG A 154 -14.73 13.18 10.04
C ARG A 154 -15.19 11.92 9.34
N GLY A 155 -15.15 10.77 10.02
CA GLY A 155 -15.61 9.53 9.46
C GLY A 155 -14.63 8.81 8.58
N PHE A 156 -13.36 9.19 8.59
CA PHE A 156 -12.34 8.57 7.75
C PHE A 156 -11.50 7.69 8.67
N LYS A 157 -11.95 6.45 8.85
CA LYS A 157 -11.23 5.53 9.70
C LYS A 157 -9.93 5.07 9.02
N ILE A 158 -8.93 4.80 9.86
CA ILE A 158 -7.58 4.46 9.43
C ILE A 158 -7.36 2.98 9.74
N TYR A 159 -6.76 2.26 8.79
CA TYR A 159 -6.64 0.82 8.90
C TYR A 159 -5.19 0.37 8.81
N LYS A 160 -4.87 -0.68 9.58
CA LYS A 160 -3.51 -1.19 9.74
C LYS A 160 -3.23 -2.12 8.57
N ALA A 161 -2.67 -1.58 7.51
CA ALA A 161 -2.49 -2.38 6.29
C ALA A 161 -1.13 -3.04 6.23
N GLY A 162 -0.18 -2.58 7.03
CA GLY A 162 1.17 -3.06 6.93
C GLY A 162 1.85 -2.84 8.25
N LYS A 163 3.12 -3.20 8.34
CA LYS A 163 3.86 -2.93 9.56
C LYS A 163 3.68 -1.47 9.99
N ASN A 164 4.03 -0.55 9.12
CA ASN A 164 3.81 0.87 9.38
C ASN A 164 2.76 1.48 8.46
N VAL A 165 2.43 0.80 7.38
CA VAL A 165 1.55 1.39 6.38
C VAL A 165 0.14 1.48 6.94
N ARG A 166 -0.52 2.59 6.65
CA ARG A 166 -1.91 2.78 7.03
C ARG A 166 -2.68 3.22 5.80
N ILE A 167 -3.93 2.81 5.68
CA ILE A 167 -4.75 3.27 4.58
C ILE A 167 -5.99 3.96 5.13
N VAL A 168 -6.46 4.95 4.36
CA VAL A 168 -7.59 5.79 4.74
C VAL A 168 -8.24 6.28 3.46
N GLU A 169 -9.57 6.45 3.49
CA GLU A 169 -10.29 6.84 2.25
C GLU A 169 -9.58 8.04 1.63
N ARG A 170 -9.39 9.09 2.43
CA ARG A 170 -8.78 10.34 1.96
C ARG A 170 -8.29 11.16 3.16
N VAL A 171 -7.45 12.14 2.90
CA VAL A 171 -7.05 13.04 4.02
C VAL A 171 -7.42 14.48 3.64
N PRO A 172 -8.48 15.09 4.24
CA PRO A 172 -8.79 16.49 3.99
C PRO A 172 -7.66 17.40 4.41
N PRO A 173 -7.49 18.53 3.74
CA PRO A 173 -6.33 19.37 4.03
C PRO A 173 -6.35 19.93 5.44
N ASP A 174 -7.54 20.12 6.03
CA ASP A 174 -7.62 20.57 7.42
C ASP A 174 -6.95 19.60 8.38
N CYS A 175 -6.79 18.33 8.02
CA CYS A 175 -6.17 17.36 8.93
C CYS A 175 -4.67 17.27 8.76
N ILE A 176 -4.09 17.99 7.82
CA ILE A 176 -2.64 18.06 7.65
C ILE A 176 -2.14 19.22 8.48
N THR A 177 -1.37 18.92 9.53
CA THR A 177 -1.02 19.94 10.53
C THR A 177 0.26 20.69 10.20
N LEU A 178 1.17 20.05 9.47
CA LEU A 178 2.51 20.56 9.22
C LEU A 178 3.00 19.94 7.93
N ALA A 179 3.81 20.72 7.20
CA ALA A 179 4.55 20.22 6.04
C ALA A 179 6.00 20.61 6.28
N VAL A 180 6.87 19.60 6.44
CA VAL A 180 8.26 19.86 6.82
C VAL A 180 9.27 19.46 5.74
#